data_7WGH
#
_entry.id   7WGH
#
_cell.length_a   208.339
_cell.length_b   208.339
_cell.length_c   208.339
_cell.angle_alpha   90.000
_cell.angle_beta   90.000
_cell.angle_gamma   90.000
#
_symmetry.space_group_name_H-M   'F 2 3'
#
loop_
_entity.id
_entity.type
_entity.pdbx_description
1 polymer 'Squalene synthase'
2 non-polymer 'PYROPHOSPHATE 2-'
3 non-polymer 'PHOSPHATE ION'
4 non-polymer 'S-[(2E,6E)-3,7,11-TRIMETHYLDODECA-2,6,10-TRIENYL] TRIHYDROGEN THIODIPHOSPHATE'
5 water water
#
_entity_poly.entity_id   1
_entity_poly.type   'polypeptide(L)'
_entity_poly.pdbx_seq_one_letter_code
;MRATEVLYYMLRPSQLRSIVQWKVWHNPVHERNVNNETETQKACFKFLDLTSRSFSAVIKELHPELLLPVCVFYLVLRGL
DTIEDDTSIPLKTKEPMLREFKDYLEQDGWTFDGNRPEEKDRELLVQFHNVITEFKNMKPAYREIVKDITDKMGNGMADY
CRKAEFEDASVKTIEEYDLYCYYVAGLVGEGLTRLFVEAEFGNPALLSRPRLHKSMGLFLQKTNIIRDVREDHDDDRHFW
PKEIWSKYVTEFEDLFKPENRETALNCGSEMVLNALEHAEECLFYLAGLREQSVFNFCAIPQAMAIATLELCFRNPDMFD
RNIKITKGEACQLMMESTQNLHVLCDTFRRYARRIHKKNTPKDPNFLKISIVCGKIEKFIDTIFPQQTAAQAKLKVQGEK
SEAEKEKARQEAETRQDLYFMLALMGVIVLIVSIIMLTAAWLLGARFDLAFQELKSGNFRPPAKQIPGEL
;
_entity_poly.pdbx_strand_id   A
#
loop_
_chem_comp.id
_chem_comp.type
_chem_comp.name
_chem_comp.formula
FPS non-polymer 'S-[(2E,6E)-3,7,11-TRIMETHYLDODECA-2,6,10-TRIENYL] TRIHYDROGEN THIODIPHOSPHATE' 'C15 H28 O6 P2 S'
PO4 non-polymer 'PHOSPHATE ION' 'O4 P -3'
POP non-polymer 'PYROPHOSPHATE 2-' 'H2 O7 P2 -2'
#
# COMPACT_ATOMS: atom_id res chain seq x y z
N ASN A 36 10.56 -8.68 29.32
CA ASN A 36 11.98 -8.36 29.03
C ASN A 36 12.21 -8.53 27.53
N GLU A 37 12.70 -7.49 26.85
CA GLU A 37 12.86 -7.56 25.38
C GLU A 37 14.14 -8.32 25.03
N THR A 38 14.02 -9.33 24.17
CA THR A 38 15.20 -10.09 23.72
C THR A 38 15.97 -9.24 22.72
N GLU A 39 17.22 -9.62 22.41
CA GLU A 39 18.02 -8.89 21.42
C GLU A 39 17.44 -9.14 20.03
N THR A 40 16.90 -10.33 19.79
CA THR A 40 16.25 -10.63 18.49
C THR A 40 15.07 -9.67 18.31
N GLN A 41 14.24 -9.54 19.33
CA GLN A 41 13.10 -8.59 19.27
C GLN A 41 13.64 -7.19 18.99
N LYS A 42 14.65 -6.76 19.75
CA LYS A 42 15.19 -5.39 19.60
C LYS A 42 15.64 -5.18 18.15
N ALA A 43 16.32 -6.17 17.60
CA ALA A 43 16.84 -6.08 16.21
C ALA A 43 15.66 -5.90 15.25
N CYS A 44 14.62 -6.70 15.43
CA CYS A 44 13.44 -6.63 14.52
C CYS A 44 12.84 -5.22 14.59
N PHE A 45 12.68 -4.70 15.80
CA PHE A 45 12.08 -3.35 15.98
C PHE A 45 13.03 -2.30 15.41
N LYS A 46 14.32 -2.49 15.61
CA LYS A 46 15.33 -1.56 15.05
C LYS A 46 15.13 -1.51 13.54
N PHE A 47 15.16 -2.67 12.87
CA PHE A 47 15.07 -2.70 11.39
C PHE A 47 13.72 -2.14 10.92
N LEU A 48 12.68 -2.26 11.73
CA LEU A 48 11.38 -1.65 11.36
C LEU A 48 11.58 -0.14 11.28
N ASP A 49 12.22 0.44 12.29
CA ASP A 49 12.49 1.90 12.31
C ASP A 49 13.38 2.25 11.11
N LEU A 50 14.40 1.45 10.80
CA LEU A 50 15.25 1.85 9.68
C LEU A 50 14.59 1.63 8.32
N THR A 51 13.64 0.71 8.20
CA THR A 51 13.10 0.43 6.87
C THR A 51 11.74 1.07 6.60
N SER A 52 11.00 1.47 7.64
CA SER A 52 9.67 2.07 7.50
C SER A 52 9.60 3.39 8.29
N ARG A 53 9.71 4.50 7.57
CA ARG A 53 9.38 5.78 8.19
C ARG A 53 7.96 5.76 8.76
N SER A 54 6.97 5.38 7.94
CA SER A 54 5.55 5.56 8.29
C SER A 54 5.05 4.45 9.21
N PHE A 55 5.19 3.19 8.81
CA PHE A 55 4.51 2.11 9.50
C PHE A 55 5.16 1.76 10.83
N SER A 56 6.42 2.14 11.04
CA SER A 56 7.05 1.84 12.31
C SER A 56 6.24 2.40 13.48
N ALA A 57 5.67 3.59 13.32
CA ALA A 57 4.98 4.23 14.43
C ALA A 57 3.66 3.54 14.73
N VAL A 58 2.88 3.23 13.70
CA VAL A 58 1.58 2.58 13.94
C VAL A 58 1.79 1.16 14.46
N ILE A 59 2.70 0.42 13.84
CA ILE A 59 2.93 -0.98 14.22
C ILE A 59 3.34 -1.06 15.69
N LYS A 60 4.12 -0.08 16.17
CA LYS A 60 4.61 -0.16 17.54
C LYS A 60 3.51 0.11 18.55
N GLU A 61 2.45 0.81 18.16
CA GLU A 61 1.27 1.00 19.02
C GLU A 61 0.37 -0.23 19.07
N LEU A 62 0.61 -1.25 18.26
CA LEU A 62 -0.33 -2.36 18.19
C LEU A 62 -0.43 -3.07 19.54
N HIS A 63 -1.63 -3.56 19.83
CA HIS A 63 -1.88 -4.48 20.92
C HIS A 63 -0.81 -5.57 20.96
N PRO A 64 -0.34 -5.99 22.14
CA PRO A 64 0.74 -6.98 22.20
C PRO A 64 0.43 -8.33 21.57
N GLU A 65 -0.84 -8.69 21.41
CA GLU A 65 -1.16 -9.94 20.73
C GLU A 65 -0.67 -9.96 19.29
N LEU A 66 -0.58 -8.80 18.64
CA LEU A 66 -0.17 -8.73 17.24
C LEU A 66 1.05 -7.86 16.99
N LEU A 67 1.63 -7.27 18.04
CA LEU A 67 2.76 -6.35 17.84
C LEU A 67 3.93 -7.05 17.18
N LEU A 68 4.36 -8.17 17.74
CA LEU A 68 5.49 -8.87 17.14
C LEU A 68 5.07 -9.58 15.85
N PRO A 69 3.90 -10.24 15.79
CA PRO A 69 3.50 -10.85 14.50
C PRO A 69 3.46 -9.86 13.34
N VAL A 70 2.85 -8.68 13.51
CA VAL A 70 2.81 -7.73 12.41
C VAL A 70 4.20 -7.19 12.13
N CYS A 71 5.02 -6.98 13.17
CA CYS A 71 6.41 -6.59 12.96
C CYS A 71 7.15 -7.62 12.10
N VAL A 72 6.97 -8.91 12.41
CA VAL A 72 7.61 -9.96 11.61
C VAL A 72 7.07 -9.94 10.19
N PHE A 73 5.74 -9.88 10.04
CA PHE A 73 5.10 -9.79 8.74
C PHE A 73 5.74 -8.70 7.91
N TYR A 74 5.88 -7.50 8.50
CA TYR A 74 6.47 -6.37 7.80
C TYR A 74 7.89 -6.69 7.33
N LEU A 75 8.75 -7.16 8.24
CA LEU A 75 10.15 -7.38 7.88
C LEU A 75 10.31 -8.49 6.84
N VAL A 76 9.48 -9.53 6.90
CA VAL A 76 9.55 -10.59 5.89
C VAL A 76 9.25 -10.02 4.50
N LEU A 77 8.17 -9.24 4.39
CA LEU A 77 7.84 -8.64 3.11
C LEU A 77 8.91 -7.64 2.71
N ARG A 78 9.43 -6.87 3.67
CA ARG A 78 10.53 -5.95 3.38
C ARG A 78 11.75 -6.69 2.84
N GLY A 79 12.11 -7.80 3.48
CA GLY A 79 13.21 -8.62 2.98
C GLY A 79 12.95 -9.10 1.57
N LEU A 80 11.75 -9.63 1.33
CA LEU A 80 11.34 -10.01 -0.02
C LEU A 80 11.54 -8.84 -0.99
N ASP A 81 11.20 -7.63 -0.56
CA ASP A 81 11.29 -6.51 -1.49
C ASP A 81 12.73 -6.05 -1.70
N THR A 82 13.57 -6.19 -0.68
CA THR A 82 14.98 -5.84 -0.85
C THR A 82 15.65 -6.74 -1.88
N ILE A 83 15.24 -8.01 -1.94
CA ILE A 83 15.77 -8.90 -2.97
C ILE A 83 15.22 -8.51 -4.33
N GLU A 84 13.91 -8.26 -4.40
CA GLU A 84 13.27 -8.08 -5.70
C GLU A 84 13.75 -6.81 -6.39
N ASP A 85 14.02 -5.74 -5.62
CA ASP A 85 14.38 -4.44 -6.18
C ASP A 85 15.80 -4.38 -6.69
N ASP A 86 16.67 -5.28 -6.25
CA ASP A 86 18.11 -5.18 -6.52
C ASP A 86 18.41 -5.73 -7.90
N THR A 87 18.66 -4.82 -8.86
CA THR A 87 18.92 -5.24 -10.22
C THR A 87 20.32 -5.83 -10.39
N SER A 88 21.15 -5.76 -9.35
CA SER A 88 22.45 -6.43 -9.42
C SER A 88 22.33 -7.95 -9.21
N ILE A 89 21.24 -8.42 -8.61
CA ILE A 89 21.04 -9.87 -8.45
C ILE A 89 20.48 -10.41 -9.75
N PRO A 90 21.23 -11.26 -10.46
CA PRO A 90 20.76 -11.78 -11.74
C PRO A 90 19.54 -12.66 -11.55
N LEU A 91 18.70 -12.71 -12.58
CA LEU A 91 17.43 -13.42 -12.48
C LEU A 91 17.64 -14.86 -12.04
N LYS A 92 18.72 -15.50 -12.49
CA LYS A 92 18.93 -16.91 -12.21
C LYS A 92 19.08 -17.16 -10.71
N THR A 93 19.68 -16.21 -10.00
CA THR A 93 19.75 -16.26 -8.55
C THR A 93 18.49 -15.72 -7.90
N LYS A 94 17.92 -14.63 -8.45
CA LYS A 94 16.85 -13.91 -7.78
C LYS A 94 15.54 -14.67 -7.83
N GLU A 95 15.19 -15.20 -8.99
CA GLU A 95 13.89 -15.88 -9.12
C GLU A 95 13.71 -17.04 -8.14
N PRO A 96 14.69 -17.92 -7.91
CA PRO A 96 14.48 -18.95 -6.87
C PRO A 96 14.38 -18.36 -5.47
N MET A 97 15.16 -17.33 -5.16
CA MET A 97 15.03 -16.69 -3.85
C MET A 97 13.59 -16.21 -3.61
N LEU A 98 12.95 -15.64 -4.64
CA LEU A 98 11.61 -15.10 -4.43
C LEU A 98 10.59 -16.22 -4.27
N ARG A 99 10.71 -17.28 -5.10
CA ARG A 99 9.75 -18.36 -5.00
C ARG A 99 9.93 -19.19 -3.73
N GLU A 100 11.15 -19.31 -3.23
CA GLU A 100 11.47 -20.19 -2.10
C GLU A 100 11.48 -19.47 -0.76
N PHE A 101 11.32 -18.14 -0.76
CA PHE A 101 11.55 -17.36 0.45
C PHE A 101 10.68 -17.84 1.61
N LYS A 102 9.45 -18.26 1.34
CA LYS A 102 8.60 -18.82 2.38
C LYS A 102 9.31 -19.97 3.10
N ASP A 103 10.10 -20.79 2.37
CA ASP A 103 10.78 -21.90 3.02
C ASP A 103 11.98 -21.45 3.82
N TYR A 104 12.61 -20.34 3.43
CA TYR A 104 13.75 -19.84 4.18
C TYR A 104 13.37 -19.40 5.59
N LEU A 105 12.09 -19.08 5.81
CA LEU A 105 11.68 -18.61 7.13
C LEU A 105 11.86 -19.68 8.19
N GLU A 106 12.00 -20.94 7.80
CA GLU A 106 12.20 -22.05 8.72
C GLU A 106 13.66 -22.38 8.97
N GLN A 107 14.59 -21.69 8.32
CA GLN A 107 16.01 -22.06 8.38
C GLN A 107 16.74 -21.17 9.36
N ASP A 108 16.99 -21.69 10.57
CA ASP A 108 17.73 -20.96 11.60
C ASP A 108 19.00 -20.32 11.05
N GLY A 109 19.20 -19.05 11.40
CA GLY A 109 20.41 -18.37 11.01
C GLY A 109 20.53 -18.02 9.56
N TRP A 110 19.45 -18.16 8.78
CA TRP A 110 19.48 -17.74 7.37
C TRP A 110 20.00 -16.31 7.26
N THR A 111 20.90 -16.10 6.30
CA THR A 111 21.45 -14.78 6.03
C THR A 111 21.60 -14.63 4.52
N PHE A 112 21.81 -13.40 4.06
CA PHE A 112 22.07 -13.19 2.64
C PHE A 112 22.85 -11.90 2.45
N ASP A 113 24.01 -12.00 1.82
CA ASP A 113 24.93 -10.88 1.62
C ASP A 113 25.10 -10.57 0.14
N GLY A 114 24.20 -11.04 -0.71
CA GLY A 114 24.33 -10.83 -2.12
C GLY A 114 23.74 -9.56 -2.68
N ASN A 115 23.20 -8.66 -1.85
CA ASN A 115 22.75 -7.38 -2.36
C ASN A 115 23.95 -6.54 -2.78
N ARG A 116 23.75 -5.72 -3.82
CA ARG A 116 24.71 -4.67 -4.14
C ARG A 116 25.05 -3.90 -2.87
N PRO A 117 26.31 -3.50 -2.67
CA PRO A 117 26.70 -2.91 -1.38
C PRO A 117 25.98 -1.61 -1.04
N GLU A 118 25.32 -0.96 -2.00
CA GLU A 118 24.63 0.31 -1.78
C GLU A 118 23.12 0.15 -1.60
N GLU A 119 22.57 -1.06 -1.70
CA GLU A 119 21.14 -1.24 -1.49
C GLU A 119 20.76 -0.82 -0.08
N LYS A 120 19.77 0.08 0.01
CA LYS A 120 19.49 0.77 1.26
C LYS A 120 19.25 -0.21 2.42
N ASP A 121 18.40 -1.22 2.20
CA ASP A 121 17.95 -2.07 3.29
C ASP A 121 18.73 -3.39 3.37
N ARG A 122 19.89 -3.48 2.70
CA ARG A 122 20.63 -4.73 2.58
C ARG A 122 20.88 -5.39 3.93
N GLU A 123 21.12 -4.59 4.97
CA GLU A 123 21.53 -5.18 6.25
C GLU A 123 20.41 -5.93 6.93
N LEU A 124 19.15 -5.67 6.56
CA LEU A 124 18.05 -6.51 7.04
C LEU A 124 18.26 -7.97 6.62
N LEU A 125 18.69 -8.19 5.38
CA LEU A 125 18.91 -9.56 4.91
C LEU A 125 20.19 -10.14 5.49
N VAL A 126 21.24 -9.33 5.58
CA VAL A 126 22.45 -9.76 6.26
C VAL A 126 22.13 -10.28 7.66
N GLN A 127 21.28 -9.55 8.39
CA GLN A 127 20.96 -9.92 9.75
C GLN A 127 19.59 -10.58 9.88
N PHE A 128 19.13 -11.24 8.81
CA PHE A 128 17.77 -11.78 8.81
C PHE A 128 17.53 -12.84 9.87
N HIS A 129 18.58 -13.38 10.49
CA HIS A 129 18.37 -14.45 11.46
C HIS A 129 17.50 -13.98 12.64
N ASN A 130 17.51 -12.68 12.94
CA ASN A 130 16.58 -12.17 13.96
C ASN A 130 15.13 -12.35 13.53
N VAL A 131 14.82 -12.12 12.25
CA VAL A 131 13.45 -12.32 11.79
C VAL A 131 13.08 -13.80 11.84
N ILE A 132 13.99 -14.68 11.40
CA ILE A 132 13.74 -16.11 11.47
C ILE A 132 13.37 -16.51 12.89
N THR A 133 14.19 -16.07 13.86
CA THR A 133 13.92 -16.40 15.26
C THR A 133 12.53 -15.95 15.68
N GLU A 134 12.19 -14.69 15.39
CA GLU A 134 10.91 -14.19 15.86
C GLU A 134 9.76 -14.76 15.06
N PHE A 135 9.99 -15.10 13.78
CA PHE A 135 8.97 -15.81 13.02
C PHE A 135 8.62 -17.13 13.69
N LYS A 136 9.64 -17.92 14.03
CA LYS A 136 9.41 -19.23 14.60
C LYS A 136 8.86 -19.17 16.02
N ASN A 137 9.03 -18.03 16.72
CA ASN A 137 8.43 -17.81 18.03
C ASN A 137 6.93 -17.47 17.99
N MET A 138 6.36 -17.24 16.80
CA MET A 138 4.97 -16.81 16.69
C MET A 138 4.05 -18.00 16.89
N LYS A 139 2.83 -17.72 17.35
CA LYS A 139 1.81 -18.78 17.40
C LYS A 139 1.70 -19.43 16.02
N PRO A 140 1.43 -20.75 15.96
CA PRO A 140 1.42 -21.41 14.66
C PRO A 140 0.45 -20.78 13.67
N ALA A 141 -0.72 -20.35 14.16
CA ALA A 141 -1.69 -19.73 13.28
C ALA A 141 -1.11 -18.50 12.59
N TYR A 142 -0.31 -17.70 13.31
CA TYR A 142 0.31 -16.53 12.70
C TYR A 142 1.40 -16.94 11.71
N ARG A 143 2.19 -17.97 12.04
CA ARG A 143 3.22 -18.45 11.13
C ARG A 143 2.62 -18.93 9.82
N GLU A 144 1.48 -19.63 9.88
CA GLU A 144 0.88 -20.10 8.64
C GLU A 144 0.47 -18.93 7.75
N ILE A 145 -0.19 -17.92 8.33
CA ILE A 145 -0.61 -16.73 7.59
C ILE A 145 0.60 -16.07 6.91
N VAL A 146 1.63 -15.74 7.70
CA VAL A 146 2.80 -15.03 7.17
C VAL A 146 3.47 -15.85 6.08
N LYS A 147 3.62 -17.16 6.30
CA LYS A 147 4.28 -18.00 5.32
C LYS A 147 3.47 -18.10 4.04
N ASP A 148 2.16 -18.25 4.17
CA ASP A 148 1.32 -18.29 2.98
C ASP A 148 1.46 -17.01 2.16
N ILE A 149 1.39 -15.84 2.80
CA ILE A 149 1.47 -14.57 2.06
C ILE A 149 2.87 -14.40 1.46
N THR A 150 3.92 -14.74 2.22
CA THR A 150 5.28 -14.73 1.67
C THR A 150 5.36 -15.60 0.42
N ASP A 151 4.68 -16.74 0.45
CA ASP A 151 4.69 -17.65 -0.69
C ASP A 151 3.96 -17.04 -1.88
N LYS A 152 2.71 -16.61 -1.68
CA LYS A 152 1.95 -16.01 -2.77
C LYS A 152 2.64 -14.76 -3.33
N MET A 153 3.22 -13.93 -2.47
CA MET A 153 3.85 -12.70 -2.95
C MET A 153 5.21 -12.95 -3.58
N GLY A 154 6.03 -13.80 -2.96
CA GLY A 154 7.30 -14.14 -3.57
C GLY A 154 7.13 -14.63 -4.99
N ASN A 155 6.11 -15.46 -5.22
CA ASN A 155 5.93 -16.02 -6.55
C ASN A 155 5.35 -15.02 -7.54
N GLY A 156 4.44 -14.15 -7.09
CA GLY A 156 4.00 -13.05 -7.94
C GLY A 156 5.18 -12.18 -8.36
N MET A 157 6.00 -11.77 -7.38
CA MET A 157 7.18 -10.98 -7.68
C MET A 157 8.08 -11.70 -8.67
N ALA A 158 8.28 -13.00 -8.49
CA ALA A 158 9.15 -13.75 -9.38
C ALA A 158 8.59 -13.74 -10.80
N ASP A 159 7.29 -13.98 -10.93
CA ASP A 159 6.66 -13.98 -12.27
C ASP A 159 6.89 -12.62 -12.93
N TYR A 160 6.82 -11.54 -12.15
CA TYR A 160 6.99 -10.17 -12.70
C TYR A 160 8.44 -9.97 -13.15
N CYS A 161 9.39 -10.17 -12.25
CA CYS A 161 10.81 -10.00 -12.59
C CYS A 161 11.13 -10.80 -13.86
N ARG A 162 10.54 -11.98 -14.01
CA ARG A 162 10.77 -12.82 -15.21
C ARG A 162 10.25 -12.09 -16.43
N LYS A 163 8.97 -11.74 -16.42
CA LYS A 163 8.37 -11.04 -17.58
C LYS A 163 9.24 -9.86 -17.95
N ALA A 164 9.57 -9.01 -16.99
CA ALA A 164 10.34 -7.79 -17.28
C ALA A 164 11.62 -8.14 -18.05
N GLU A 165 12.28 -9.22 -17.67
CA GLU A 165 13.57 -9.58 -18.30
C GLU A 165 13.38 -9.95 -19.77
N PHE A 166 12.21 -10.48 -20.12
CA PHE A 166 12.03 -10.97 -21.52
C PHE A 166 11.02 -10.11 -22.28
N GLU A 167 9.95 -9.66 -21.62
CA GLU A 167 8.90 -8.90 -22.33
C GLU A 167 8.92 -7.44 -21.90
N ASP A 168 7.86 -6.70 -22.23
CA ASP A 168 7.76 -5.26 -21.87
C ASP A 168 7.39 -5.12 -20.39
N ALA A 169 6.34 -5.82 -19.96
CA ALA A 169 5.88 -5.78 -18.56
C ALA A 169 5.32 -4.39 -18.24
N SER A 170 5.02 -3.60 -19.26
CA SER A 170 4.39 -2.27 -19.05
C SER A 170 2.93 -2.47 -18.65
N VAL A 171 2.42 -1.67 -17.72
CA VAL A 171 1.00 -1.79 -17.41
C VAL A 171 0.19 -1.24 -18.57
N LYS A 172 -0.58 -2.10 -19.22
CA LYS A 172 -1.34 -1.67 -20.38
C LYS A 172 -2.82 -1.52 -20.10
N THR A 173 -3.38 -2.34 -19.21
CA THR A 173 -4.80 -2.29 -18.95
C THR A 173 -5.05 -2.01 -17.47
N ILE A 174 -6.27 -1.52 -17.19
CA ILE A 174 -6.69 -1.32 -15.81
C ILE A 174 -6.66 -2.63 -15.06
N GLU A 175 -7.03 -3.73 -15.72
CA GLU A 175 -6.96 -5.06 -15.12
C GLU A 175 -5.54 -5.37 -14.64
N GLU A 176 -4.55 -5.14 -15.47
CA GLU A 176 -3.14 -5.42 -15.07
C GLU A 176 -2.78 -4.50 -13.89
N TYR A 177 -3.19 -3.24 -13.94
CA TYR A 177 -2.93 -2.28 -12.84
C TYR A 177 -3.44 -2.86 -11.53
N ASP A 178 -4.68 -3.33 -11.53
CA ASP A 178 -5.30 -3.86 -10.29
C ASP A 178 -4.57 -5.13 -9.85
N LEU A 179 -4.06 -5.92 -10.80
CA LEU A 179 -3.39 -7.19 -10.44
C LEU A 179 -2.05 -6.89 -9.77
N TYR A 180 -1.30 -5.94 -10.31
CA TYR A 180 -0.02 -5.56 -9.68
C TYR A 180 -0.31 -5.13 -8.24
N CYS A 181 -1.36 -4.34 -8.05
CA CYS A 181 -1.65 -3.81 -6.70
C CYS A 181 -2.09 -4.96 -5.77
N TYR A 182 -2.82 -5.94 -6.31
CA TYR A 182 -3.25 -7.11 -5.50
C TYR A 182 -2.03 -7.92 -5.04
N TYR A 183 -1.04 -8.08 -5.91
CA TYR A 183 0.12 -8.95 -5.55
C TYR A 183 1.00 -8.21 -4.57
N VAL A 184 0.79 -6.91 -4.43
CA VAL A 184 1.55 -6.17 -3.38
C VAL A 184 0.57 -5.83 -2.25
N ALA A 185 -0.07 -4.67 -2.32
CA ALA A 185 -0.95 -4.21 -1.22
C ALA A 185 -2.08 -5.19 -0.90
N GLY A 186 -2.68 -5.80 -1.91
CA GLY A 186 -3.81 -6.71 -1.68
C GLY A 186 -3.44 -7.87 -0.78
N LEU A 187 -2.26 -8.45 -1.00
CA LEU A 187 -1.81 -9.61 -0.20
C LEU A 187 -1.40 -9.12 1.20
N VAL A 188 -0.88 -7.91 1.30
CA VAL A 188 -0.56 -7.33 2.64
C VAL A 188 -1.88 -7.22 3.39
N GLY A 189 -2.91 -6.70 2.73
CA GLY A 189 -4.23 -6.58 3.36
C GLY A 189 -4.82 -7.93 3.67
N GLU A 190 -4.63 -8.90 2.77
CA GLU A 190 -5.09 -10.24 3.09
C GLU A 190 -4.46 -10.73 4.39
N GLY A 191 -3.12 -10.66 4.45
CA GLY A 191 -2.43 -11.17 5.62
C GLY A 191 -2.84 -10.45 6.89
N LEU A 192 -2.83 -9.11 6.86
CA LEU A 192 -3.24 -8.36 8.05
C LEU A 192 -4.63 -8.76 8.49
N THR A 193 -5.55 -8.90 7.54
CA THR A 193 -6.92 -9.27 7.89
C THR A 193 -6.96 -10.64 8.54
N ARG A 194 -6.23 -11.61 7.99
CA ARG A 194 -6.22 -12.94 8.57
C ARG A 194 -5.63 -12.93 9.97
N LEU A 195 -4.60 -12.11 10.21
CA LEU A 195 -4.09 -11.93 11.57
C LEU A 195 -5.17 -11.30 12.47
N PHE A 196 -5.87 -10.26 11.98
CA PHE A 196 -6.87 -9.59 12.81
C PHE A 196 -7.96 -10.54 13.22
N VAL A 197 -8.47 -11.32 12.26
CA VAL A 197 -9.59 -12.23 12.54
C VAL A 197 -9.15 -13.34 13.48
N GLU A 198 -7.96 -13.90 13.23
CA GLU A 198 -7.44 -14.97 14.08
C GLU A 198 -7.36 -14.52 15.53
N ALA A 199 -6.90 -13.29 15.76
CA ALA A 199 -6.81 -12.74 17.11
C ALA A 199 -8.13 -12.18 17.60
N GLU A 200 -9.19 -12.25 16.78
CA GLU A 200 -10.53 -11.80 17.13
C GLU A 200 -10.62 -10.28 17.25
N PHE A 201 -9.70 -9.57 16.61
CA PHE A 201 -9.74 -8.11 16.57
C PHE A 201 -10.53 -7.62 15.37
N GLY A 202 -11.08 -8.50 14.57
CA GLY A 202 -11.90 -8.11 13.44
C GLY A 202 -12.98 -9.14 13.21
N ASN A 203 -14.12 -8.68 12.67
CA ASN A 203 -15.25 -9.57 12.45
C ASN A 203 -14.92 -10.62 11.38
N PRO A 204 -15.25 -11.89 11.62
CA PRO A 204 -14.92 -12.93 10.64
C PRO A 204 -15.42 -12.61 9.24
N ALA A 205 -16.54 -11.91 9.14
CA ALA A 205 -17.08 -11.54 7.83
C ALA A 205 -16.07 -10.80 6.96
N LEU A 206 -15.05 -10.18 7.56
CA LEU A 206 -13.98 -9.58 6.78
C LEU A 206 -13.23 -10.59 5.91
N LEU A 207 -13.27 -11.87 6.26
CA LEU A 207 -12.58 -12.84 5.43
C LEU A 207 -13.44 -13.36 4.29
N SER A 208 -14.75 -13.40 4.46
CA SER A 208 -15.61 -13.91 3.39
C SER A 208 -16.02 -12.83 2.39
N ARG A 209 -15.51 -11.60 2.54
CA ARG A 209 -15.73 -10.54 1.55
C ARG A 209 -14.37 -9.98 1.21
N PRO A 210 -13.58 -10.72 0.44
CA PRO A 210 -12.18 -10.31 0.21
C PRO A 210 -12.04 -9.03 -0.58
N ARG A 211 -13.10 -8.51 -1.21
CA ARG A 211 -12.93 -7.22 -1.87
C ARG A 211 -12.66 -6.11 -0.87
N LEU A 212 -13.05 -6.29 0.40
CA LEU A 212 -12.84 -5.24 1.39
C LEU A 212 -11.35 -5.02 1.65
N HIS A 213 -10.63 -6.08 2.06
CA HIS A 213 -9.21 -5.88 2.28
C HIS A 213 -8.48 -5.57 0.98
N LYS A 214 -9.01 -6.02 -0.16
CA LYS A 214 -8.39 -5.62 -1.43
C LYS A 214 -8.54 -4.11 -1.62
N SER A 215 -9.74 -3.58 -1.41
CA SER A 215 -9.92 -2.15 -1.57
C SER A 215 -9.07 -1.36 -0.58
N MET A 216 -8.98 -1.83 0.67
CA MET A 216 -8.08 -1.22 1.64
C MET A 216 -6.67 -1.13 1.08
N GLY A 217 -6.16 -2.23 0.50
CA GLY A 217 -4.81 -2.20 0.00
C GLY A 217 -4.67 -1.37 -1.27
N LEU A 218 -5.64 -1.50 -2.18
CA LEU A 218 -5.49 -0.82 -3.46
C LEU A 218 -5.66 0.69 -3.29
N PHE A 219 -6.49 1.11 -2.32
CA PHE A 219 -6.64 2.54 -2.05
C PHE A 219 -5.29 3.16 -1.67
N LEU A 220 -4.53 2.47 -0.80
CA LEU A 220 -3.22 2.99 -0.41
C LEU A 220 -2.24 2.95 -1.57
N GLN A 221 -2.10 1.79 -2.23
CA GLN A 221 -1.06 1.69 -3.24
C GLN A 221 -1.36 2.59 -4.42
N LYS A 222 -2.64 2.65 -4.84
CA LYS A 222 -2.97 3.50 -5.97
C LYS A 222 -2.70 4.97 -5.67
N THR A 223 -2.99 5.41 -4.42
CA THR A 223 -2.70 6.80 -4.04
C THR A 223 -1.20 7.08 -4.12
N ASN A 224 -0.39 6.14 -3.63
CA ASN A 224 1.06 6.27 -3.76
C ASN A 224 1.47 6.28 -5.23
N ILE A 225 0.87 5.40 -6.03
CA ILE A 225 1.23 5.35 -7.44
C ILE A 225 0.89 6.67 -8.12
N ILE A 226 -0.27 7.25 -7.78
CA ILE A 226 -0.66 8.53 -8.35
C ILE A 226 0.33 9.62 -7.94
N ARG A 227 0.59 9.73 -6.65
CA ARG A 227 1.37 10.85 -6.16
C ARG A 227 2.85 10.75 -6.57
N ASP A 228 3.37 9.52 -6.69
CA ASP A 228 4.78 9.30 -7.01
C ASP A 228 5.06 9.26 -8.51
N VAL A 229 4.11 9.61 -9.38
CA VAL A 229 4.26 9.28 -10.81
C VAL A 229 5.54 9.89 -11.39
N ARG A 230 5.91 11.09 -10.96
CA ARG A 230 7.06 11.76 -11.55
C ARG A 230 8.36 11.06 -11.17
N GLU A 231 8.61 10.92 -9.86
CA GLU A 231 9.81 10.25 -9.39
C GLU A 231 9.88 8.79 -9.87
N ASP A 232 8.73 8.11 -9.93
CA ASP A 232 8.73 6.77 -10.51
C ASP A 232 9.14 6.80 -11.97
N HIS A 233 8.70 7.84 -12.70
CA HIS A 233 9.07 7.96 -14.11
C HIS A 233 10.55 8.27 -14.27
N ASP A 234 11.13 9.05 -13.36
CA ASP A 234 12.55 9.33 -13.39
C ASP A 234 13.40 8.18 -12.86
N ASP A 235 12.79 7.05 -12.49
CA ASP A 235 13.51 5.81 -12.23
C ASP A 235 13.09 4.72 -13.20
N ASP A 236 12.55 5.11 -14.35
CA ASP A 236 12.05 4.17 -15.36
C ASP A 236 11.11 3.13 -14.75
N ARG A 237 10.24 3.58 -13.84
CA ARG A 237 9.15 2.76 -13.33
C ARG A 237 7.84 3.40 -13.79
N HIS A 238 6.94 2.58 -14.34
CA HIS A 238 5.68 3.10 -14.87
C HIS A 238 4.55 2.15 -14.49
N PHE A 239 3.61 2.64 -13.68
CA PHE A 239 2.50 1.83 -13.21
C PHE A 239 1.16 2.28 -13.72
N TRP A 240 1.05 3.48 -14.28
CA TRP A 240 -0.24 3.95 -14.77
C TRP A 240 -0.66 3.14 -15.99
N PRO A 241 -1.86 2.58 -16.01
CA PRO A 241 -2.27 1.75 -17.15
C PRO A 241 -2.47 2.57 -18.42
N LYS A 242 -1.99 2.03 -19.55
CA LYS A 242 -2.15 2.71 -20.82
C LYS A 242 -3.61 2.89 -21.19
N GLU A 243 -4.46 1.97 -20.78
CA GLU A 243 -5.88 2.10 -21.05
C GLU A 243 -6.44 3.43 -20.52
N ILE A 244 -5.80 4.02 -19.52
CA ILE A 244 -6.20 5.34 -19.06
C ILE A 244 -5.36 6.42 -19.72
N TRP A 245 -4.03 6.38 -19.59
CA TRP A 245 -3.26 7.53 -20.04
C TRP A 245 -3.24 7.68 -21.55
N SER A 246 -3.45 6.62 -22.31
CA SER A 246 -3.41 6.80 -23.75
C SER A 246 -4.61 7.59 -24.28
N LYS A 247 -5.64 7.81 -23.45
CA LYS A 247 -6.73 8.70 -23.83
C LYS A 247 -6.36 10.17 -23.69
N TYR A 248 -5.23 10.48 -23.07
CA TYR A 248 -4.83 11.85 -22.80
C TYR A 248 -3.52 12.25 -23.47
N VAL A 249 -2.58 11.33 -23.64
CA VAL A 249 -1.31 11.62 -24.31
C VAL A 249 -0.98 10.50 -25.29
N THR A 250 -0.04 10.80 -26.17
CA THR A 250 0.42 9.80 -27.14
C THR A 250 1.47 8.88 -26.52
N GLU A 251 2.45 9.46 -25.82
CA GLU A 251 3.45 8.72 -25.08
C GLU A 251 3.40 9.14 -23.62
N PHE A 252 3.66 8.17 -22.73
CA PHE A 252 3.56 8.44 -21.29
C PHE A 252 4.41 9.64 -20.88
N GLU A 253 5.61 9.75 -21.44
CA GLU A 253 6.48 10.87 -21.06
C GLU A 253 5.86 12.22 -21.37
N ASP A 254 4.92 12.29 -22.33
CA ASP A 254 4.28 13.56 -22.65
C ASP A 254 3.55 14.15 -21.46
N LEU A 255 3.15 13.32 -20.50
CA LEU A 255 2.48 13.81 -19.29
C LEU A 255 3.30 14.85 -18.54
N PHE A 256 4.62 14.86 -18.69
CA PHE A 256 5.46 15.72 -17.87
C PHE A 256 5.90 16.99 -18.58
N LYS A 257 5.53 17.17 -19.85
CA LYS A 257 5.89 18.40 -20.57
C LYS A 257 4.90 19.51 -20.22
N PRO A 258 5.38 20.73 -19.92
CA PRO A 258 4.45 21.82 -19.57
C PRO A 258 3.39 22.12 -20.62
N GLU A 259 3.65 21.84 -21.90
CA GLU A 259 2.65 22.05 -22.96
C GLU A 259 1.39 21.25 -22.72
N ASN A 260 1.52 20.06 -22.12
CA ASN A 260 0.40 19.14 -21.94
C ASN A 260 -0.12 19.13 -20.52
N ARG A 261 0.12 20.20 -19.75
CA ARG A 261 -0.30 20.20 -18.36
C ARG A 261 -1.81 20.01 -18.23
N GLU A 262 -2.58 20.59 -19.14
CA GLU A 262 -4.02 20.49 -19.01
C GLU A 262 -4.48 19.04 -19.22
N THR A 263 -4.04 18.41 -20.30
CA THR A 263 -4.44 17.03 -20.51
C THR A 263 -3.81 16.10 -19.46
N ALA A 264 -2.66 16.49 -18.91
CA ALA A 264 -2.07 15.73 -17.80
C ALA A 264 -2.99 15.74 -16.59
N LEU A 265 -3.53 16.92 -16.27
CA LEU A 265 -4.44 17.04 -15.13
C LEU A 265 -5.67 16.16 -15.34
N ASN A 266 -6.18 16.11 -16.58
CA ASN A 266 -7.34 15.27 -16.84
C ASN A 266 -7.00 13.80 -16.65
N CYS A 267 -5.77 13.42 -16.98
CA CYS A 267 -5.32 12.05 -16.81
C CYS A 267 -5.29 11.68 -15.33
N GLY A 268 -4.58 12.51 -14.53
CA GLY A 268 -4.53 12.28 -13.11
C GLY A 268 -5.91 12.26 -12.50
N SER A 269 -6.83 13.01 -13.09
CA SER A 269 -8.19 13.05 -12.60
C SER A 269 -8.86 11.68 -12.74
N GLU A 270 -8.71 11.05 -13.90
CA GLU A 270 -9.25 9.72 -14.06
C GLU A 270 -8.55 8.72 -13.15
N MET A 271 -7.23 8.87 -12.95
CA MET A 271 -6.52 8.03 -11.97
C MET A 271 -7.10 8.21 -10.58
N VAL A 272 -7.36 9.45 -10.17
CA VAL A 272 -7.96 9.69 -8.86
C VAL A 272 -9.35 9.05 -8.81
N LEU A 273 -10.13 9.22 -9.87
CA LEU A 273 -11.45 8.60 -9.95
C LEU A 273 -11.35 7.11 -9.71
N ASN A 274 -10.42 6.46 -10.40
CA ASN A 274 -10.25 5.03 -10.26
C ASN A 274 -9.91 4.66 -8.82
N ALA A 275 -9.04 5.43 -8.15
CA ALA A 275 -8.74 5.13 -6.74
C ALA A 275 -9.96 5.35 -5.85
N LEU A 276 -10.71 6.44 -6.07
CA LEU A 276 -11.85 6.75 -5.20
C LEU A 276 -12.91 5.66 -5.22
N GLU A 277 -12.97 4.85 -6.28
CA GLU A 277 -13.95 3.78 -6.34
C GLU A 277 -13.75 2.73 -5.25
N HIS A 278 -12.60 2.73 -4.56
CA HIS A 278 -12.38 1.80 -3.45
C HIS A 278 -12.85 2.35 -2.10
N ALA A 279 -13.10 3.67 -2.01
CA ALA A 279 -13.17 4.36 -0.72
C ALA A 279 -14.30 3.85 0.15
N GLU A 280 -15.47 3.62 -0.44
CA GLU A 280 -16.59 3.12 0.34
C GLU A 280 -16.28 1.76 0.94
N GLU A 281 -15.63 0.89 0.18
CA GLU A 281 -15.30 -0.43 0.69
C GLU A 281 -14.26 -0.35 1.78
N CYS A 282 -13.36 0.62 1.71
CA CYS A 282 -12.44 0.84 2.82
C CYS A 282 -13.20 1.16 4.09
N LEU A 283 -14.32 1.90 3.98
CA LEU A 283 -15.11 2.22 5.16
C LEU A 283 -15.84 0.99 5.68
N PHE A 284 -16.40 0.17 4.78
CA PHE A 284 -17.01 -1.09 5.22
C PHE A 284 -16.02 -1.91 6.01
N TYR A 285 -14.77 -1.95 5.55
CA TYR A 285 -13.75 -2.75 6.22
C TYR A 285 -13.48 -2.20 7.60
N LEU A 286 -13.24 -0.88 7.71
CA LEU A 286 -12.94 -0.29 9.02
C LEU A 286 -14.07 -0.55 10.01
N ALA A 287 -15.32 -0.68 9.51
CA ALA A 287 -16.46 -0.93 10.39
C ALA A 287 -16.45 -2.33 10.98
N GLY A 288 -15.68 -3.24 10.42
CA GLY A 288 -15.55 -4.58 10.96
C GLY A 288 -14.46 -4.74 12.01
N LEU A 289 -13.69 -3.70 12.30
CA LEU A 289 -12.58 -3.83 13.25
C LEU A 289 -13.09 -3.63 14.67
N ARG A 290 -12.59 -4.47 15.58
CA ARG A 290 -13.16 -4.53 16.93
C ARG A 290 -12.17 -4.20 18.03
N GLU A 291 -10.94 -3.79 17.71
CA GLU A 291 -9.93 -3.48 18.71
C GLU A 291 -9.24 -2.18 18.33
N GLN A 292 -9.02 -1.32 19.32
CA GLN A 292 -8.72 0.08 19.04
C GLN A 292 -7.38 0.25 18.33
N SER A 293 -6.34 -0.45 18.79
CA SER A 293 -5.03 -0.28 18.17
C SER A 293 -5.01 -0.80 16.74
N VAL A 294 -5.81 -1.83 16.47
CA VAL A 294 -5.97 -2.30 15.10
C VAL A 294 -6.71 -1.26 14.28
N PHE A 295 -7.78 -0.69 14.84
CA PHE A 295 -8.49 0.36 14.13
C PHE A 295 -7.55 1.50 13.78
N ASN A 296 -6.75 1.96 14.75
CA ASN A 296 -5.82 3.05 14.48
C ASN A 296 -4.85 2.67 13.38
N PHE A 297 -4.31 1.45 13.46
CA PHE A 297 -3.32 1.00 12.48
C PHE A 297 -3.91 1.01 11.08
N CYS A 298 -5.19 0.65 10.96
CA CYS A 298 -5.83 0.61 9.64
C CYS A 298 -6.35 1.97 9.19
N ALA A 299 -6.85 2.79 10.13
CA ALA A 299 -7.53 4.02 9.76
C ALA A 299 -6.55 5.11 9.36
N ILE A 300 -5.44 5.25 10.10
CA ILE A 300 -4.49 6.33 9.81
C ILE A 300 -4.05 6.34 8.36
N PRO A 301 -3.57 5.23 7.76
CA PRO A 301 -3.13 5.32 6.35
C PRO A 301 -4.26 5.64 5.40
N GLN A 302 -5.46 5.14 5.68
CA GLN A 302 -6.60 5.43 4.82
C GLN A 302 -6.94 6.92 4.82
N ALA A 303 -6.92 7.55 6.00
CA ALA A 303 -7.18 8.99 6.05
C ALA A 303 -6.06 9.75 5.34
N MET A 304 -4.80 9.35 5.58
CA MET A 304 -3.70 9.98 4.85
C MET A 304 -3.88 9.84 3.35
N ALA A 305 -4.40 8.69 2.91
CA ALA A 305 -4.55 8.45 1.47
C ALA A 305 -5.58 9.39 0.85
N ILE A 306 -6.78 9.47 1.44
CA ILE A 306 -7.78 10.33 0.81
C ILE A 306 -7.34 11.80 0.85
N ALA A 307 -6.68 12.22 1.93
CA ALA A 307 -6.14 13.59 1.96
C ALA A 307 -5.09 13.80 0.87
N THR A 308 -4.26 12.79 0.61
CA THR A 308 -3.25 12.92 -0.45
C THR A 308 -3.90 12.93 -1.82
N LEU A 309 -4.96 12.14 -2.01
CA LEU A 309 -5.70 12.15 -3.26
C LEU A 309 -6.36 13.52 -3.49
N GLU A 310 -6.91 14.12 -2.44
CA GLU A 310 -7.52 15.44 -2.59
C GLU A 310 -6.47 16.50 -2.93
N LEU A 311 -5.27 16.40 -2.34
CA LEU A 311 -4.20 17.33 -2.69
C LEU A 311 -3.75 17.14 -4.14
N CYS A 312 -3.67 15.89 -4.62
CA CYS A 312 -3.21 15.65 -5.99
C CYS A 312 -4.26 15.99 -7.04
N PHE A 313 -5.55 15.93 -6.68
CA PHE A 313 -6.61 16.12 -7.66
C PHE A 313 -6.55 17.52 -8.29
N ARG A 314 -6.44 17.57 -9.62
CA ARG A 314 -6.35 18.82 -10.38
C ARG A 314 -5.13 19.65 -10.00
N ASN A 315 -4.12 19.04 -9.39
CA ASN A 315 -2.97 19.80 -8.94
C ASN A 315 -1.82 19.60 -9.93
N PRO A 316 -1.39 20.63 -10.65
CA PRO A 316 -0.31 20.43 -11.62
C PRO A 316 1.05 20.12 -10.98
N ASP A 317 1.26 20.50 -9.73
CA ASP A 317 2.54 20.21 -9.09
C ASP A 317 2.85 18.72 -9.08
N MET A 318 1.83 17.88 -9.07
CA MET A 318 2.02 16.43 -9.01
C MET A 318 2.94 15.93 -10.12
N PHE A 319 2.96 16.60 -11.25
CA PHE A 319 3.75 16.15 -12.38
C PHE A 319 5.16 16.72 -12.38
N ASP A 320 5.45 17.69 -11.50
CA ASP A 320 6.76 18.33 -11.47
C ASP A 320 7.64 17.89 -10.32
N ARG A 321 7.06 17.29 -9.29
CA ARG A 321 7.76 17.01 -8.06
C ARG A 321 6.87 16.13 -7.19
N ASN A 322 7.36 15.81 -6.01
CA ASN A 322 6.67 14.97 -5.06
C ASN A 322 5.97 15.85 -4.02
N ILE A 323 4.63 15.82 -3.99
CA ILE A 323 3.88 16.71 -3.09
C ILE A 323 3.33 15.91 -1.92
N LYS A 324 3.14 16.61 -0.81
CA LYS A 324 2.66 15.97 0.42
C LYS A 324 1.78 16.96 1.18
N ILE A 325 0.84 16.47 1.97
CA ILE A 325 -0.03 17.35 2.73
C ILE A 325 0.77 18.05 3.83
N THR A 326 0.29 19.22 4.24
CA THR A 326 0.99 20.06 5.19
C THR A 326 1.07 19.38 6.56
N LYS A 327 2.02 19.85 7.38
CA LYS A 327 2.21 19.30 8.72
C LYS A 327 0.98 19.49 9.60
N GLY A 328 0.37 20.68 9.56
CA GLY A 328 -0.80 20.94 10.37
C GLY A 328 -2.01 20.10 9.96
N GLU A 329 -2.13 19.81 8.66
CA GLU A 329 -3.17 18.90 8.19
C GLU A 329 -2.92 17.48 8.68
N ALA A 330 -1.67 17.00 8.55
CA ALA A 330 -1.32 15.65 8.96
C ALA A 330 -1.56 15.45 10.45
N CYS A 331 -1.29 16.48 11.26
CA CYS A 331 -1.53 16.41 12.71
C CYS A 331 -3.01 16.23 13.01
N GLN A 332 -3.86 17.10 12.46
CA GLN A 332 -5.32 16.94 12.59
C GLN A 332 -5.76 15.53 12.19
N LEU A 333 -5.26 15.04 11.04
CA LEU A 333 -5.66 13.72 10.55
C LEU A 333 -5.29 12.62 11.54
N MET A 334 -4.12 12.70 12.18
CA MET A 334 -3.74 11.69 13.17
C MET A 334 -4.73 11.65 14.33
N MET A 335 -5.20 12.81 14.78
CA MET A 335 -6.22 12.83 15.82
C MET A 335 -7.57 12.30 15.31
N GLU A 336 -7.92 12.60 14.05
CA GLU A 336 -9.22 12.16 13.50
C GLU A 336 -9.23 10.67 13.14
N SER A 337 -8.07 10.04 13.01
CA SER A 337 -7.96 8.62 12.66
C SER A 337 -7.79 7.71 13.86
N THR A 338 -7.59 8.30 15.04
CA THR A 338 -7.28 7.49 16.24
C THR A 338 -8.41 7.62 17.26
N GLN A 339 -9.65 7.69 16.79
CA GLN A 339 -10.81 7.76 17.71
C GLN A 339 -11.80 6.65 17.36
N ASN A 340 -12.86 6.98 16.64
CA ASN A 340 -13.89 5.98 16.27
C ASN A 340 -14.19 6.04 14.76
N LEU A 341 -15.08 5.17 14.28
CA LEU A 341 -15.45 5.14 12.84
C LEU A 341 -16.18 6.42 12.46
N HIS A 342 -17.03 6.92 13.34
CA HIS A 342 -17.80 8.16 13.07
C HIS A 342 -16.83 9.30 12.71
N VAL A 343 -15.82 9.52 13.55
CA VAL A 343 -14.88 10.64 13.31
C VAL A 343 -14.12 10.39 12.01
N LEU A 344 -13.73 9.14 11.75
CA LEU A 344 -12.93 8.86 10.54
C LEU A 344 -13.81 9.12 9.32
N CYS A 345 -15.06 8.68 9.39
CA CYS A 345 -16.00 8.84 8.26
C CYS A 345 -16.25 10.33 8.00
N ASP A 346 -16.33 11.14 9.07
CA ASP A 346 -16.50 12.60 8.91
C ASP A 346 -15.29 13.16 8.16
N THR A 347 -14.09 12.69 8.49
CA THR A 347 -12.87 13.13 7.77
C THR A 347 -12.97 12.73 6.31
N PHE A 348 -13.42 11.50 6.06
CA PHE A 348 -13.58 11.02 4.66
C PHE A 348 -14.64 11.88 3.96
N ARG A 349 -15.72 12.19 4.66
CA ARG A 349 -16.75 13.00 4.01
C ARG A 349 -16.20 14.37 3.68
N ARG A 350 -15.35 14.90 4.56
CA ARG A 350 -14.79 16.23 4.36
C ARG A 350 -13.92 16.29 3.10
N TYR A 351 -13.08 15.28 2.88
CA TYR A 351 -12.23 15.24 1.70
C TYR A 351 -12.98 14.84 0.43
N ALA A 352 -14.01 14.01 0.55
CA ALA A 352 -14.87 13.77 -0.61
C ALA A 352 -15.53 15.06 -1.08
N ARG A 353 -15.96 15.91 -0.14
CA ARG A 353 -16.59 17.19 -0.49
C ARG A 353 -15.60 18.14 -1.15
N ARG A 354 -14.38 18.21 -0.64
CA ARG A 354 -13.35 19.06 -1.25
C ARG A 354 -13.07 18.64 -2.69
N ILE A 355 -12.89 17.33 -2.92
CA ILE A 355 -12.67 16.85 -4.28
C ILE A 355 -13.87 17.21 -5.15
N HIS A 356 -15.08 16.93 -4.63
CA HIS A 356 -16.33 17.28 -5.30
C HIS A 356 -16.33 18.76 -5.73
N LYS A 357 -15.81 19.66 -4.88
CA LYS A 357 -15.85 21.09 -5.19
C LYS A 357 -14.80 21.50 -6.21
N LYS A 358 -13.62 20.87 -6.18
CA LYS A 358 -12.59 21.14 -7.18
C LYS A 358 -13.02 20.68 -8.55
N ASN A 359 -13.82 19.61 -8.60
CA ASN A 359 -14.29 19.04 -9.86
C ASN A 359 -14.92 20.12 -10.76
N THR A 360 -14.53 20.13 -12.04
CA THR A 360 -14.86 21.21 -12.97
C THR A 360 -15.39 20.65 -14.29
N PRO A 361 -16.39 21.30 -14.91
CA PRO A 361 -17.03 20.70 -16.10
C PRO A 361 -16.12 20.57 -17.30
N LYS A 362 -14.99 21.29 -17.34
CA LYS A 362 -14.06 21.11 -18.46
C LYS A 362 -13.40 19.74 -18.39
N ASP A 363 -13.31 19.15 -17.21
CA ASP A 363 -12.69 17.84 -17.04
C ASP A 363 -13.56 16.79 -17.70
N PRO A 364 -13.02 15.98 -18.63
CA PRO A 364 -13.83 14.90 -19.21
C PRO A 364 -14.31 13.87 -18.20
N ASN A 365 -13.75 13.84 -16.98
CA ASN A 365 -14.21 12.93 -15.94
C ASN A 365 -15.20 13.59 -14.99
N PHE A 366 -15.76 14.73 -15.38
CA PHE A 366 -16.55 15.55 -14.45
C PHE A 366 -17.72 14.79 -13.83
N LEU A 367 -18.56 14.19 -14.67
CA LEU A 367 -19.74 13.53 -14.14
C LEU A 367 -19.35 12.37 -13.23
N LYS A 368 -18.35 11.58 -13.62
CA LYS A 368 -18.03 10.39 -12.84
C LYS A 368 -17.37 10.74 -11.51
N ILE A 369 -16.55 11.80 -11.49
CA ILE A 369 -15.95 12.23 -10.23
C ILE A 369 -17.03 12.66 -9.25
N SER A 370 -18.01 13.44 -9.74
CA SER A 370 -19.01 13.96 -8.81
C SER A 370 -19.94 12.84 -8.36
N ILE A 371 -20.18 11.84 -9.22
CA ILE A 371 -21.03 10.72 -8.80
C ILE A 371 -20.33 9.89 -7.73
N VAL A 372 -19.04 9.60 -7.89
CA VAL A 372 -18.40 8.78 -6.85
C VAL A 372 -18.30 9.56 -5.53
N CYS A 373 -18.03 10.88 -5.60
CA CYS A 373 -18.01 11.69 -4.38
C CYS A 373 -19.40 11.71 -3.72
N GLY A 374 -20.46 11.88 -4.51
CA GLY A 374 -21.80 11.83 -3.97
C GLY A 374 -22.11 10.52 -3.28
N LYS A 375 -21.68 9.40 -3.88
CA LYS A 375 -21.94 8.10 -3.28
C LYS A 375 -21.29 8.00 -1.90
N ILE A 376 -20.04 8.44 -1.80
CA ILE A 376 -19.34 8.43 -0.54
C ILE A 376 -20.06 9.31 0.49
N GLU A 377 -20.36 10.55 0.12
CA GLU A 377 -20.97 11.47 1.07
C GLU A 377 -22.33 10.95 1.51
N LYS A 378 -23.13 10.44 0.57
CA LYS A 378 -24.47 9.95 0.91
C LYS A 378 -24.41 8.70 1.75
N PHE A 379 -23.41 7.86 1.50
CA PHE A 379 -23.26 6.68 2.34
C PHE A 379 -22.87 7.09 3.77
N ILE A 380 -21.94 8.03 3.91
CA ILE A 380 -21.58 8.47 5.26
C ILE A 380 -22.78 9.14 5.94
N ASP A 381 -23.56 9.91 5.19
CA ASP A 381 -24.74 10.53 5.78
C ASP A 381 -25.73 9.49 6.26
N THR A 382 -25.82 8.36 5.57
CA THR A 382 -26.73 7.29 5.97
C THR A 382 -26.25 6.61 7.24
N ILE A 383 -24.95 6.31 7.34
CA ILE A 383 -24.39 5.68 8.52
C ILE A 383 -24.44 6.61 9.72
N PHE A 384 -24.13 7.89 9.49
CA PHE A 384 -23.93 8.88 10.55
C PHE A 384 -24.53 10.20 10.10
N PRO A 385 -25.85 10.38 10.29
CA PRO A 385 -26.50 11.67 9.96
C PRO A 385 -25.90 12.86 10.75
P1 POP B . 7.04 2.52 3.75
O1 POP B . 7.70 1.53 4.66
O2 POP B . 6.09 1.81 2.81
O3 POP B . 6.28 3.49 4.63
O POP B . 8.14 3.39 2.91
P2 POP B . 8.77 3.00 1.46
O4 POP B . 10.19 2.48 1.63
O5 POP B . 7.87 1.96 0.83
O6 POP B . 8.83 4.23 0.58
P1 POP C . 8.39 1.80 -2.42
O1 POP C . 9.42 0.96 -1.69
O2 POP C . 7.10 1.84 -1.64
O3 POP C . 8.94 3.22 -2.59
O POP C . 8.06 1.17 -3.89
P2 POP C . 7.42 -0.31 -4.16
O4 POP C . 8.49 -1.36 -3.94
O5 POP C . 6.25 -0.53 -3.22
O6 POP C . 6.95 -0.44 -5.60
P PO4 D . -13.34 0.42 17.63
O1 PO4 D . -12.19 -0.42 17.11
O2 PO4 D . -13.78 1.46 16.59
O3 PO4 D . -12.91 1.14 18.91
O4 PO4 D . -14.49 -0.53 17.95
C2 FPS E . 5.13 -2.50 -0.72
C3 FPS E . 6.19 -3.31 -0.86
C4 FPS E . 7.56 -2.72 -1.05
C5 FPS E . 6.02 -4.81 -0.80
C6 FPS E . 5.31 -5.14 0.50
C7 FPS E . 6.29 -4.82 1.60
C8 FPS E . 6.01 -4.13 2.72
C10 FPS E . 4.65 -3.55 3.10
C9 FPS E . 7.16 -3.94 3.66
C11 FPS E . 4.16 -4.27 4.36
C12 FPS E . 3.39 -3.37 5.31
C13 FPS E . 2.82 -3.92 6.41
C14 FPS E . 2.94 -5.38 6.68
C15 FPS E . 2.07 -3.09 7.41
C1 FPS F . 4.22 1.23 0.45
C2 FPS F . 3.35 0.06 0.89
C3 FPS F . 2.10 -0.12 0.42
C4 FPS F . 1.50 0.86 -0.55
C5 FPS F . 1.27 -1.31 0.87
C6 FPS F . 0.35 -0.86 2.00
C7 FPS F . -0.85 -1.77 2.13
C8 FPS F . -1.34 -2.10 3.34
C10 FPS F . -2.54 -3.02 3.43
C9 FPS F . -0.65 -1.58 4.58
C11 FPS F . -3.72 -2.27 4.06
C12 FPS F . -4.93 -3.16 4.08
C13 FPS F . -5.49 -3.58 5.23
C14 FPS F . -4.92 -3.15 6.55
C15 FPS F . -6.69 -4.48 5.17
#